data_1T5X
#
_entry.id   1T5X
#
_cell.length_a   173.208
_cell.length_b   173.208
_cell.length_c   121.543
_cell.angle_alpha   90.00
_cell.angle_beta   90.00
_cell.angle_gamma   120.00
#
_symmetry.space_group_name_H-M   'H 3'
#
loop_
_entity.id
_entity.type
_entity.pdbx_description
1 polymer 'HLA class II histocompatibility antigen, DR alpha chain'
2 polymer 'HLA class II histocompatibility antigen, DRB1-1 beta chain'
3 polymer '15-mer peptide fragment of Regulatory protein MIG1'
4 polymer 'Enterotoxin type C-3'
5 water water
#
loop_
_entity_poly.entity_id
_entity_poly.type
_entity_poly.pdbx_seq_one_letter_code
_entity_poly.pdbx_strand_id
1 'polypeptide(L)'
;KEEHVIIQAEFYLNPDQSGEFMFDFDGDEIFHVDMAKKETVWRLEEFGRFASFEAQGALANIAVDKANLEIMTKRSNYTP
ITNVPPEVTVLTNSPVELREPNVLICFIDKFTPPVVNVTWLRNGKPVTTGVSETVFLPREDHLFRKFHYLPFLPSTEDVY
DCRVEHWGLDEPLLKHWEFDA
;
A
2 'polypeptide(L)'
;GDTRPRFLWQLKFECHFFNGTERVRLLERCIYNQEESVRFDSDVGEYRAVTELGRPDAEYWNSQKDLLEQRRAAVDTYCR
HNYGVGESFTVQRRVEPKVTVYPSKTQPLQHHNLLVCSVSGFYPGSIEVRWFRNGQEEKAGVVSTGLIQNGDWTFQTLVM
LETVPRSGEVYTCQVEHPSVTSPLTVEWRA
;
B
3 'polypeptide(L)' AAYSDQATPLLLSPR C
4 'polypeptide(L)'
;ESQPDPMPDDLHKSSEFTGTMGNMKYLYDDHYVSATKVKSVDSFFKWDLIYNISDKKLKNYDKVKTELLNEDLAKKYKDE
VVDVYGSNYYVNCYFSSKDNVGKVTGGKTCMYGGITKHEGNHFDNGNLQNVLVRVYENKRNTISFEVQTDKKSVTAQELD
IKARNFLINKKNLYEFNSSPYETGYIKFIENNGNTFWYDMMPAPGDKFDQSKYLMMYNDNKTVDSKSVKIEVHLTTKNG
;
D
#
# COMPACT_ATOMS: atom_id res chain seq x y z
N GLU A 3 18.52 -10.53 17.66
CA GLU A 3 19.08 -9.19 17.36
C GLU A 3 18.35 -8.47 16.22
N HIS A 4 17.75 -9.21 15.30
CA HIS A 4 16.98 -8.59 14.21
C HIS A 4 15.69 -9.35 13.91
N VAL A 5 14.65 -8.60 13.54
CA VAL A 5 13.36 -9.18 13.23
C VAL A 5 12.76 -8.60 11.95
N ILE A 6 12.33 -9.48 11.04
CA ILE A 6 11.70 -9.03 9.80
C ILE A 6 10.29 -9.63 9.84
N ILE A 7 9.29 -8.77 9.73
CA ILE A 7 7.92 -9.23 9.80
C ILE A 7 7.07 -8.91 8.59
N GLN A 8 6.41 -9.93 8.06
CA GLN A 8 5.52 -9.75 6.95
C GLN A 8 4.16 -9.63 7.66
N ALA A 9 3.57 -8.44 7.64
CA ALA A 9 2.32 -8.25 8.33
C ALA A 9 1.21 -7.88 7.38
N GLU A 10 0.06 -8.53 7.56
CA GLU A 10 -1.10 -8.25 6.73
C GLU A 10 -2.39 -8.34 7.54
N PHE A 11 -3.45 -7.71 7.02
CA PHE A 11 -4.74 -7.75 7.69
C PHE A 11 -5.90 -7.37 6.78
N TYR A 12 -7.11 -7.73 7.23
CA TYR A 12 -8.33 -7.38 6.52
C TYR A 12 -9.37 -7.03 7.59
N LEU A 13 -10.07 -5.93 7.37
CA LEU A 13 -11.07 -5.47 8.33
C LEU A 13 -12.45 -5.34 7.72
N ASN A 14 -13.43 -5.98 8.35
CA ASN A 14 -14.82 -5.90 7.92
C ASN A 14 -15.50 -5.03 8.97
N PRO A 15 -16.51 -4.25 8.57
CA PRO A 15 -17.02 -4.15 7.20
C PRO A 15 -16.36 -3.03 6.40
N ASP A 16 -15.30 -2.43 6.91
CA ASP A 16 -14.65 -1.35 6.17
C ASP A 16 -14.03 -1.81 4.86
N GLN A 17 -13.67 -3.08 4.80
CA GLN A 17 -13.04 -3.63 3.60
C GLN A 17 -11.62 -3.07 3.49
N SER A 18 -10.98 -2.89 4.63
CA SER A 18 -9.62 -2.38 4.63
C SER A 18 -8.71 -3.58 4.49
N GLY A 19 -7.65 -3.41 3.71
CA GLY A 19 -6.69 -4.48 3.49
C GLY A 19 -5.31 -3.89 3.47
N GLU A 20 -4.35 -4.59 4.07
CA GLU A 20 -2.98 -4.10 4.10
C GLU A 20 -1.99 -5.24 4.04
N PHE A 21 -0.81 -4.93 3.52
CA PHE A 21 0.27 -5.90 3.38
C PHE A 21 1.58 -5.12 3.41
N MET A 22 2.43 -5.41 4.39
CA MET A 22 3.69 -4.71 4.52
C MET A 22 4.77 -5.54 5.18
N PHE A 23 6.01 -5.08 5.05
CA PHE A 23 7.17 -5.74 5.63
C PHE A 23 7.78 -4.77 6.63
N ASP A 24 8.28 -5.33 7.72
CA ASP A 24 8.84 -4.55 8.82
C ASP A 24 10.23 -5.02 9.25
N PHE A 25 11.14 -4.08 9.45
CA PHE A 25 12.48 -4.40 9.91
C PHE A 25 12.75 -3.67 11.22
N ASP A 26 12.87 -4.44 12.30
CA ASP A 26 13.09 -3.87 13.61
C ASP A 26 12.17 -2.67 13.89
N GLY A 27 10.89 -2.84 13.63
CA GLY A 27 9.94 -1.77 13.89
C GLY A 27 9.75 -0.75 12.80
N ASP A 28 10.68 -0.68 11.84
CA ASP A 28 10.57 0.27 10.74
C ASP A 28 10.07 -0.39 9.46
N GLU A 29 9.17 0.29 8.77
CA GLU A 29 8.60 -0.22 7.54
C GLU A 29 9.58 -0.25 6.38
N ILE A 30 9.63 -1.38 5.68
CA ILE A 30 10.51 -1.49 4.52
C ILE A 30 9.65 -1.06 3.32
N PHE A 31 8.41 -1.57 3.27
CA PHE A 31 7.50 -1.24 2.20
C PHE A 31 6.12 -1.80 2.50
N HIS A 32 5.13 -1.38 1.71
CA HIS A 32 3.77 -1.91 1.83
C HIS A 32 3.24 -1.93 0.41
N VAL A 33 2.16 -2.66 0.16
CA VAL A 33 1.62 -2.70 -1.19
C VAL A 33 0.33 -1.88 -1.36
N ASP A 34 0.31 -1.03 -2.40
CA ASP A 34 -0.86 -0.22 -2.70
C ASP A 34 -1.86 -1.17 -3.33
N MET A 35 -2.92 -1.51 -2.60
CA MET A 35 -3.94 -2.45 -3.07
C MET A 35 -4.73 -1.96 -4.27
N ALA A 36 -4.75 -0.65 -4.52
CA ALA A 36 -5.49 -0.13 -5.65
C ALA A 36 -4.62 0.02 -6.90
N LYS A 37 -3.42 0.57 -6.74
CA LYS A 37 -2.53 0.73 -7.88
C LYS A 37 -1.74 -0.56 -8.13
N LYS A 38 -1.84 -1.48 -7.18
CA LYS A 38 -1.15 -2.75 -7.29
C LYS A 38 0.36 -2.59 -7.53
N GLU A 39 1.01 -1.86 -6.62
CA GLU A 39 2.43 -1.67 -6.73
C GLU A 39 3.09 -1.49 -5.38
N THR A 40 4.38 -1.79 -5.35
CA THR A 40 5.18 -1.71 -4.14
C THR A 40 5.56 -0.28 -3.83
N VAL A 41 5.24 0.15 -2.60
CA VAL A 41 5.56 1.49 -2.15
C VAL A 41 6.62 1.36 -1.06
N TRP A 42 7.85 1.78 -1.39
CA TRP A 42 8.97 1.69 -0.45
C TRP A 42 8.96 2.83 0.56
N ARG A 43 9.26 2.53 1.82
CA ARG A 43 9.25 3.56 2.85
C ARG A 43 10.26 4.65 2.52
N LEU A 44 11.46 4.24 2.12
CA LEU A 44 12.49 5.19 1.71
C LEU A 44 12.79 4.89 0.23
N GLU A 45 12.96 5.96 -0.54
CA GLU A 45 13.24 5.88 -1.97
C GLU A 45 14.38 4.92 -2.36
N GLU A 46 15.51 4.99 -1.64
CA GLU A 46 16.64 4.15 -2.00
C GLU A 46 16.42 2.65 -1.90
N PHE A 47 15.49 2.23 -1.06
CA PHE A 47 15.23 0.80 -0.93
C PHE A 47 14.84 0.20 -2.27
N GLY A 48 13.96 0.90 -2.99
CA GLY A 48 13.51 0.42 -4.28
C GLY A 48 14.60 0.32 -5.34
N ARG A 49 15.78 0.85 -5.04
CA ARG A 49 16.88 0.79 -5.99
C ARG A 49 17.81 -0.37 -5.66
N PHE A 50 17.56 -1.02 -4.53
CA PHE A 50 18.39 -2.14 -4.11
C PHE A 50 17.64 -3.48 -4.10
N ALA A 51 16.32 -3.43 -4.01
CA ALA A 51 15.52 -4.64 -3.97
C ALA A 51 14.21 -4.44 -4.68
N SER A 52 13.50 -5.54 -4.90
CA SER A 52 12.21 -5.48 -5.58
C SER A 52 11.21 -6.42 -4.91
N PHE A 53 9.95 -6.24 -5.25
CA PHE A 53 8.89 -7.09 -4.73
C PHE A 53 7.72 -7.14 -5.71
N GLU A 54 7.18 -8.34 -5.92
CA GLU A 54 6.06 -8.51 -6.82
C GLU A 54 4.77 -8.18 -6.07
N ALA A 55 4.29 -6.96 -6.28
CA ALA A 55 3.07 -6.46 -5.65
C ALA A 55 1.89 -7.42 -5.84
N GLN A 56 1.79 -8.00 -7.03
CA GLN A 56 0.73 -8.93 -7.37
C GLN A 56 0.56 -10.02 -6.32
N GLY A 57 1.67 -10.48 -5.75
CA GLY A 57 1.62 -11.51 -4.74
C GLY A 57 0.84 -11.16 -3.49
N ALA A 58 0.90 -9.90 -3.06
CA ALA A 58 0.18 -9.50 -1.86
C ALA A 58 -1.34 -9.56 -2.06
N LEU A 59 -1.79 -9.25 -3.28
CA LEU A 59 -3.22 -9.29 -3.57
C LEU A 59 -3.80 -10.70 -3.46
N ALA A 60 -2.96 -11.71 -3.64
CA ALA A 60 -3.41 -13.09 -3.54
C ALA A 60 -3.63 -13.39 -2.06
N ASN A 61 -2.65 -13.03 -1.24
CA ASN A 61 -2.73 -13.24 0.20
C ASN A 61 -3.93 -12.52 0.80
N ILE A 62 -4.18 -11.28 0.36
CA ILE A 62 -5.29 -10.50 0.89
C ILE A 62 -6.63 -11.17 0.65
N ALA A 63 -6.78 -11.80 -0.51
CA ALA A 63 -8.02 -12.49 -0.84
C ALA A 63 -8.22 -13.66 0.14
N VAL A 64 -7.14 -14.38 0.44
CA VAL A 64 -7.24 -15.49 1.37
C VAL A 64 -7.49 -14.92 2.78
N ASP A 65 -6.85 -13.80 3.09
CA ASP A 65 -7.04 -13.19 4.41
C ASP A 65 -8.51 -12.86 4.65
N LYS A 66 -9.19 -12.32 3.64
CA LYS A 66 -10.59 -11.98 3.80
C LYS A 66 -11.45 -13.23 3.97
N ALA A 67 -11.24 -14.23 3.11
CA ALA A 67 -12.04 -15.46 3.23
C ALA A 67 -11.88 -16.00 4.63
N ASN A 68 -10.65 -16.00 5.16
CA ASN A 68 -10.45 -16.50 6.50
C ASN A 68 -11.12 -15.59 7.53
N LEU A 69 -11.19 -14.29 7.27
CA LEU A 69 -11.86 -13.41 8.22
C LEU A 69 -13.31 -13.85 8.36
N GLU A 70 -13.97 -14.10 7.23
CA GLU A 70 -15.37 -14.52 7.17
C GLU A 70 -15.62 -15.83 7.92
N ILE A 71 -14.66 -16.74 7.81
CA ILE A 71 -14.74 -18.03 8.47
C ILE A 71 -14.63 -17.85 9.98
N MET A 72 -13.64 -17.06 10.38
CA MET A 72 -13.37 -16.79 11.78
C MET A 72 -14.49 -15.98 12.43
N THR A 73 -15.04 -15.02 11.68
CA THR A 73 -16.12 -14.20 12.19
C THR A 73 -17.28 -15.09 12.60
N LYS A 74 -17.66 -15.99 11.70
CA LYS A 74 -18.76 -16.92 11.92
C LYS A 74 -18.46 -17.91 13.06
N ARG A 75 -17.23 -18.40 13.11
CA ARG A 75 -16.86 -19.34 14.15
C ARG A 75 -17.01 -18.76 15.55
N SER A 76 -16.68 -17.48 15.71
CA SER A 76 -16.78 -16.80 17.01
C SER A 76 -18.22 -16.34 17.28
N ASN A 77 -19.16 -16.72 16.42
CA ASN A 77 -20.54 -16.29 16.58
C ASN A 77 -20.58 -14.77 16.50
N TYR A 78 -19.89 -14.25 15.49
CA TYR A 78 -19.84 -12.83 15.22
C TYR A 78 -19.46 -11.97 16.41
N THR A 79 -18.36 -12.35 17.05
CA THR A 79 -17.82 -11.61 18.18
C THR A 79 -17.08 -10.42 17.56
N PRO A 80 -17.57 -9.21 17.82
CA PRO A 80 -16.94 -8.00 17.26
C PRO A 80 -15.68 -7.63 18.03
N ILE A 81 -14.85 -6.77 17.42
CA ILE A 81 -13.63 -6.35 18.08
C ILE A 81 -13.94 -5.24 19.10
N THR A 82 -13.18 -5.23 20.19
CA THR A 82 -13.33 -4.20 21.20
C THR A 82 -12.46 -3.02 20.78
N ASN A 83 -13.05 -1.82 20.71
CA ASN A 83 -12.30 -0.62 20.33
C ASN A 83 -11.29 -0.24 21.39
N VAL A 84 -10.03 -0.04 20.99
CA VAL A 84 -9.03 0.40 21.93
C VAL A 84 -8.52 1.73 21.41
N PRO A 85 -8.79 2.82 22.15
CA PRO A 85 -8.37 4.18 21.78
C PRO A 85 -6.87 4.37 21.81
N PRO A 86 -6.34 5.15 20.85
CA PRO A 86 -4.91 5.42 20.73
C PRO A 86 -4.32 6.38 21.77
N GLU A 87 -3.02 6.24 21.94
CA GLU A 87 -2.23 7.07 22.82
C GLU A 87 -1.64 8.02 21.78
N VAL A 88 -1.87 9.33 21.93
CA VAL A 88 -1.36 10.28 20.96
C VAL A 88 -0.29 11.19 21.54
N THR A 89 0.78 11.39 20.80
CA THR A 89 1.88 12.24 21.25
C THR A 89 2.39 13.09 20.09
N VAL A 90 2.79 14.31 20.40
CA VAL A 90 3.33 15.18 19.36
C VAL A 90 4.74 15.61 19.75
N LEU A 91 5.65 15.52 18.79
CA LEU A 91 7.04 15.90 18.99
C LEU A 91 7.63 16.38 17.67
N THR A 92 8.80 16.98 17.75
CA THR A 92 9.52 17.46 16.58
C THR A 92 10.59 16.40 16.34
N ASN A 93 11.12 16.29 15.13
CA ASN A 93 12.15 15.27 14.91
C ASN A 93 13.53 15.73 15.38
N SER A 94 13.62 16.98 15.82
CA SER A 94 14.89 17.53 16.30
C SER A 94 14.63 18.81 17.11
N PRO A 95 15.51 19.10 18.08
CA PRO A 95 15.33 20.30 18.91
C PRO A 95 14.94 21.53 18.07
N VAL A 96 13.84 22.17 18.48
CA VAL A 96 13.30 23.33 17.79
C VAL A 96 14.06 24.63 18.00
N GLU A 97 14.23 25.38 16.92
CA GLU A 97 14.91 26.68 16.95
C GLU A 97 14.15 27.61 16.00
N LEU A 98 13.85 28.82 16.46
CA LEU A 98 13.12 29.79 15.64
C LEU A 98 13.60 29.89 14.20
N ARG A 99 12.65 29.87 13.28
CA ARG A 99 12.91 29.97 11.84
C ARG A 99 13.80 28.86 11.29
N GLU A 100 14.05 27.83 12.08
CA GLU A 100 14.86 26.70 11.64
C GLU A 100 13.95 25.53 11.26
N PRO A 101 13.97 25.13 9.97
CA PRO A 101 13.16 24.03 9.43
C PRO A 101 13.12 22.80 10.32
N ASN A 102 11.90 22.34 10.62
CA ASN A 102 11.71 21.17 11.48
C ASN A 102 10.50 20.40 10.97
N VAL A 103 10.14 19.34 11.67
CA VAL A 103 8.98 18.53 11.29
C VAL A 103 8.23 18.07 12.52
N LEU A 104 6.93 18.28 12.52
CA LEU A 104 6.10 17.86 13.64
C LEU A 104 5.63 16.43 13.36
N ILE A 105 5.78 15.59 14.37
CA ILE A 105 5.39 14.20 14.25
C ILE A 105 4.25 13.91 15.20
N CYS A 106 3.17 13.34 14.66
CA CYS A 106 2.05 12.97 15.50
C CYS A 106 2.09 11.45 15.61
N PHE A 107 2.44 10.98 16.79
CA PHE A 107 2.53 9.55 17.04
C PHE A 107 1.22 8.98 17.60
N ILE A 108 0.57 8.15 16.79
CA ILE A 108 -0.69 7.50 17.16
C ILE A 108 -0.34 6.05 17.45
N ASP A 109 -0.44 5.65 18.72
CA ASP A 109 -0.03 4.31 19.11
C ASP A 109 -1.03 3.52 19.98
N LYS A 110 -0.77 2.22 20.09
CA LYS A 110 -1.56 1.30 20.91
C LYS A 110 -3.07 1.34 20.69
N PHE A 111 -3.53 1.17 19.45
CA PHE A 111 -4.96 1.22 19.19
C PHE A 111 -5.43 0.16 18.20
N THR A 112 -6.75 0.00 18.13
CA THR A 112 -7.38 -0.94 17.23
C THR A 112 -8.90 -0.74 17.34
N PRO A 113 -9.66 -0.99 16.25
CA PRO A 113 -9.22 -1.45 14.93
C PRO A 113 -8.41 -0.38 14.20
N PRO A 114 -7.69 -0.77 13.14
CA PRO A 114 -6.85 0.14 12.35
C PRO A 114 -7.61 1.08 11.40
N VAL A 115 -8.27 2.07 11.98
CA VAL A 115 -9.02 3.10 11.25
C VAL A 115 -9.00 4.36 12.09
N VAL A 116 -8.38 5.43 11.59
CA VAL A 116 -8.32 6.69 12.31
C VAL A 116 -8.41 7.87 11.37
N ASN A 117 -8.86 9.00 11.90
CA ASN A 117 -8.95 10.22 11.13
C ASN A 117 -8.02 11.20 11.83
N VAL A 118 -6.97 11.61 11.13
CA VAL A 118 -5.98 12.52 11.69
C VAL A 118 -5.87 13.79 10.87
N THR A 119 -5.92 14.93 11.54
CA THR A 119 -5.79 16.20 10.84
C THR A 119 -4.92 17.15 11.66
N TRP A 120 -4.19 18.01 10.96
CA TRP A 120 -3.31 18.98 11.61
C TRP A 120 -3.98 20.33 11.68
N LEU A 121 -3.71 21.08 12.74
CA LEU A 121 -4.28 22.41 12.90
C LEU A 121 -3.23 23.48 13.21
N ARG A 122 -3.18 24.51 12.36
CA ARG A 122 -2.27 25.62 12.55
C ARG A 122 -3.15 26.78 13.01
N ASN A 123 -3.06 27.10 14.31
CA ASN A 123 -3.86 28.17 14.87
C ASN A 123 -5.36 27.89 14.67
N GLY A 124 -5.78 26.70 15.06
CA GLY A 124 -7.17 26.31 14.93
C GLY A 124 -7.65 25.99 13.52
N LYS A 125 -6.79 26.20 12.53
CA LYS A 125 -7.18 25.92 11.15
C LYS A 125 -6.45 24.71 10.59
N PRO A 126 -7.13 23.91 9.76
CA PRO A 126 -6.57 22.71 9.15
C PRO A 126 -5.46 22.99 8.13
N VAL A 127 -4.41 22.19 8.19
CA VAL A 127 -3.25 22.31 7.31
C VAL A 127 -3.19 21.11 6.36
N THR A 128 -2.99 21.37 5.07
CA THR A 128 -2.93 20.30 4.08
C THR A 128 -1.59 20.26 3.34
N THR A 129 -0.89 21.38 3.37
CA THR A 129 0.39 21.50 2.68
C THR A 129 1.57 20.78 3.30
N GLY A 130 2.17 19.88 2.51
CA GLY A 130 3.34 19.16 2.97
C GLY A 130 3.15 18.01 3.93
N VAL A 131 1.92 17.76 4.38
CA VAL A 131 1.69 16.67 5.32
C VAL A 131 1.83 15.30 4.66
N SER A 132 2.27 14.32 5.43
CA SER A 132 2.41 12.96 4.94
C SER A 132 2.13 12.03 6.11
N GLU A 133 1.83 10.77 5.80
CA GLU A 133 1.50 9.78 6.81
C GLU A 133 1.97 8.38 6.39
N THR A 134 2.04 7.48 7.36
CA THR A 134 2.43 6.10 7.10
C THR A 134 1.19 5.23 7.20
N VAL A 135 1.32 3.97 6.80
CA VAL A 135 0.22 3.02 6.89
C VAL A 135 0.20 2.52 8.33
N PHE A 136 -0.63 1.53 8.62
CA PHE A 136 -0.71 0.99 9.98
C PHE A 136 0.43 0.02 10.24
N LEU A 137 1.19 0.24 11.30
CA LEU A 137 2.33 -0.61 11.63
C LEU A 137 1.96 -1.59 12.72
N PRO A 138 2.49 -2.81 12.64
CA PRO A 138 2.22 -3.86 13.63
C PRO A 138 2.87 -3.67 14.98
N ARG A 139 2.26 -4.28 16.00
CA ARG A 139 2.76 -4.22 17.37
C ARG A 139 2.69 -5.64 17.91
N GLU A 140 3.61 -5.96 18.81
CA GLU A 140 3.66 -7.28 19.42
C GLU A 140 2.34 -7.63 20.11
N ASP A 141 1.70 -6.65 20.75
CA ASP A 141 0.42 -6.92 21.43
C ASP A 141 -0.73 -6.98 20.42
N HIS A 142 -0.39 -6.85 19.14
CA HIS A 142 -1.35 -6.90 18.04
C HIS A 142 -2.23 -5.68 17.78
N LEU A 143 -1.90 -4.58 18.45
CA LEU A 143 -2.60 -3.31 18.22
C LEU A 143 -1.75 -2.63 17.15
N PHE A 144 -2.03 -1.37 16.84
CA PHE A 144 -1.27 -0.68 15.80
C PHE A 144 -0.63 0.64 16.19
N ARG A 145 0.28 1.09 15.33
CA ARG A 145 0.98 2.37 15.48
C ARG A 145 0.77 3.07 14.14
N LYS A 146 1.10 4.34 14.08
CA LYS A 146 0.94 5.10 12.85
C LYS A 146 1.57 6.47 13.09
N PHE A 147 2.18 7.05 12.06
CA PHE A 147 2.83 8.36 12.15
C PHE A 147 2.30 9.34 11.11
N HIS A 148 2.10 10.58 11.55
CA HIS A 148 1.67 11.65 10.64
C HIS A 148 2.70 12.76 10.76
N TYR A 149 3.06 13.35 9.64
CA TYR A 149 4.09 14.38 9.64
C TYR A 149 3.64 15.72 9.06
N LEU A 150 4.20 16.79 9.63
CA LEU A 150 3.91 18.14 9.19
C LEU A 150 5.18 18.99 9.19
N PRO A 151 5.69 19.31 8.00
CA PRO A 151 6.90 20.14 7.89
C PRO A 151 6.52 21.58 8.21
N PHE A 152 7.27 22.22 9.11
CA PHE A 152 6.96 23.60 9.47
C PHE A 152 8.18 24.45 9.79
N LEU A 153 7.92 25.73 9.98
CA LEU A 153 8.97 26.70 10.31
C LEU A 153 8.59 27.26 11.68
N PRO A 154 9.32 26.87 12.73
CA PRO A 154 9.04 27.36 14.08
C PRO A 154 8.91 28.89 14.20
N SER A 155 8.10 29.32 15.17
CA SER A 155 7.89 30.74 15.43
C SER A 155 7.14 30.87 16.75
N THR A 156 7.26 32.03 17.39
CA THR A 156 6.59 32.27 18.66
C THR A 156 5.10 32.53 18.44
N GLU A 157 4.73 32.81 17.21
CA GLU A 157 3.35 33.10 16.86
C GLU A 157 2.48 31.88 16.56
N ASP A 158 3.01 30.92 15.80
CA ASP A 158 2.26 29.73 15.43
C ASP A 158 2.11 28.66 16.52
N VAL A 159 0.93 28.06 16.57
CA VAL A 159 0.61 26.99 17.51
C VAL A 159 -0.03 25.86 16.71
N TYR A 160 0.16 24.62 17.14
CA TYR A 160 -0.42 23.50 16.42
C TYR A 160 -1.17 22.50 17.28
N ASP A 161 -1.93 21.65 16.60
CA ASP A 161 -2.70 20.59 17.24
C ASP A 161 -2.79 19.40 16.30
N CYS A 162 -2.73 18.19 16.86
CA CYS A 162 -2.90 16.99 16.06
C CYS A 162 -4.26 16.49 16.53
N ARG A 163 -5.26 16.53 15.65
CA ARG A 163 -6.60 16.10 16.00
C ARG A 163 -6.85 14.67 15.52
N VAL A 164 -7.07 13.77 16.47
CA VAL A 164 -7.27 12.36 16.17
C VAL A 164 -8.66 11.82 16.54
N GLU A 165 -9.29 11.13 15.60
CA GLU A 165 -10.61 10.54 15.81
C GLU A 165 -10.52 9.03 15.65
N HIS A 166 -11.15 8.32 16.58
CA HIS A 166 -11.14 6.87 16.58
C HIS A 166 -12.36 6.40 17.36
N TRP A 167 -12.96 5.31 16.92
CA TRP A 167 -14.16 4.82 17.58
C TRP A 167 -14.02 4.62 19.07
N GLY A 168 -12.79 4.42 19.54
CA GLY A 168 -12.57 4.21 20.97
C GLY A 168 -12.52 5.50 21.76
N LEU A 169 -12.56 6.63 21.06
CA LEU A 169 -12.53 7.94 21.69
C LEU A 169 -13.93 8.55 21.65
N ASP A 170 -14.48 8.86 22.82
CA ASP A 170 -15.80 9.46 22.91
C ASP A 170 -15.82 10.80 22.17
N GLU A 171 -14.69 11.50 22.22
CA GLU A 171 -14.53 12.80 21.59
C GLU A 171 -13.20 12.87 20.83
N PRO A 172 -13.11 13.74 19.82
CA PRO A 172 -11.86 13.87 19.06
C PRO A 172 -10.79 14.36 20.03
N LEU A 173 -9.60 13.77 19.96
CA LEU A 173 -8.51 14.14 20.85
C LEU A 173 -7.56 15.12 20.16
N LEU A 174 -7.22 16.21 20.85
CA LEU A 174 -6.32 17.21 20.30
C LEU A 174 -5.06 17.37 21.12
N LYS A 175 -3.93 17.09 20.48
CA LYS A 175 -2.66 17.23 21.17
C LYS A 175 -2.06 18.55 20.71
N HIS A 176 -1.86 19.44 21.68
CA HIS A 176 -1.33 20.76 21.41
C HIS A 176 0.19 20.81 21.38
N TRP A 177 0.72 21.73 20.59
CA TRP A 177 2.15 21.93 20.50
C TRP A 177 2.40 23.39 20.17
N GLU A 178 3.41 23.97 20.81
CA GLU A 178 3.77 25.37 20.57
C GLU A 178 5.22 25.59 20.98
N PHE A 179 5.85 26.59 20.37
CA PHE A 179 7.25 26.90 20.67
C PHE A 179 7.44 27.27 22.15
N ASP A 180 8.18 26.43 22.87
CA ASP A 180 8.44 26.68 24.28
C ASP A 180 9.93 26.91 24.53
N ALA A 181 10.76 26.09 23.90
CA ALA A 181 12.21 26.19 24.04
C ALA A 181 12.76 27.45 23.37
N GLY B 1 -24.01 8.34 12.77
CA GLY B 1 -22.61 7.84 12.72
C GLY B 1 -22.52 6.37 12.34
N ASP B 2 -21.30 5.87 12.23
CA ASP B 2 -21.06 4.47 11.88
C ASP B 2 -20.89 3.67 13.17
N THR B 3 -21.86 2.81 13.47
CA THR B 3 -21.78 2.00 14.70
C THR B 3 -21.64 0.50 14.47
N ARG B 4 -21.71 0.04 13.23
CA ARG B 4 -21.60 -1.39 12.96
C ARG B 4 -20.33 -1.96 13.59
N PRO B 5 -20.42 -3.18 14.12
CA PRO B 5 -19.27 -3.84 14.74
C PRO B 5 -18.21 -4.17 13.69
N ARG B 6 -16.95 -4.20 14.11
CA ARG B 6 -15.84 -4.51 13.20
C ARG B 6 -15.31 -5.89 13.53
N PHE B 7 -14.75 -6.53 12.51
CA PHE B 7 -14.17 -7.87 12.64
C PHE B 7 -12.85 -7.76 11.88
N LEU B 8 -11.76 -8.08 12.57
CA LEU B 8 -10.41 -7.95 12.05
C LEU B 8 -9.66 -9.26 11.98
N TRP B 9 -8.79 -9.41 10.99
CA TRP B 9 -7.98 -10.61 10.83
C TRP B 9 -6.57 -10.18 10.47
N GLN B 10 -5.59 -10.73 11.18
CA GLN B 10 -4.20 -10.40 10.95
C GLN B 10 -3.38 -11.66 10.76
N LEU B 11 -2.37 -11.58 9.89
CA LEU B 11 -1.46 -12.70 9.64
C LEU B 11 -0.07 -12.10 9.68
N LYS B 12 0.80 -12.70 10.49
CA LYS B 12 2.15 -12.20 10.63
C LYS B 12 3.20 -13.30 10.57
N PHE B 13 4.19 -13.15 9.71
CA PHE B 13 5.26 -14.13 9.64
C PHE B 13 6.45 -13.38 10.19
N GLU B 14 6.94 -13.82 11.34
CA GLU B 14 8.07 -13.19 12.00
C GLU B 14 9.35 -14.00 11.84
N CYS B 15 10.38 -13.36 11.27
CA CYS B 15 11.68 -14.00 11.07
C CYS B 15 12.65 -13.39 12.10
N HIS B 16 13.03 -14.19 13.09
CA HIS B 16 13.95 -13.77 14.15
C HIS B 16 15.38 -14.28 13.87
N PHE B 17 16.32 -13.33 13.76
CA PHE B 17 17.72 -13.63 13.48
C PHE B 17 18.64 -13.40 14.68
N PHE B 18 19.45 -14.39 15.01
CA PHE B 18 20.39 -14.28 16.12
C PHE B 18 21.79 -14.49 15.54
N ASN B 19 22.60 -13.43 15.61
CA ASN B 19 23.96 -13.43 15.08
C ASN B 19 23.89 -13.71 13.59
N GLY B 20 23.29 -12.79 12.85
CA GLY B 20 23.16 -12.96 11.42
C GLY B 20 22.21 -14.09 11.11
N THR B 21 22.55 -14.91 10.11
CA THR B 21 21.70 -16.02 9.73
C THR B 21 22.16 -17.29 10.45
N GLU B 22 22.92 -17.13 11.55
CA GLU B 22 23.39 -18.28 12.29
C GLU B 22 22.21 -19.03 12.89
N ARG B 23 21.46 -18.35 13.76
CA ARG B 23 20.27 -18.97 14.35
C ARG B 23 19.04 -18.19 13.87
N VAL B 24 18.12 -18.91 13.26
CA VAL B 24 16.90 -18.29 12.74
C VAL B 24 15.64 -19.01 13.18
N ARG B 25 14.68 -18.23 13.69
CA ARG B 25 13.41 -18.75 14.15
C ARG B 25 12.26 -18.10 13.37
N LEU B 26 11.34 -18.92 12.86
CA LEU B 26 10.19 -18.41 12.13
C LEU B 26 8.94 -18.58 12.97
N LEU B 27 8.17 -17.52 13.08
CA LEU B 27 6.93 -17.56 13.85
C LEU B 27 5.79 -17.02 13.01
N GLU B 28 4.90 -17.93 12.59
CA GLU B 28 3.72 -17.58 11.81
C GLU B 28 2.56 -17.50 12.80
N ARG B 29 1.87 -16.37 12.82
CA ARG B 29 0.77 -16.22 13.76
C ARG B 29 -0.50 -15.58 13.21
N CYS B 30 -1.63 -16.09 13.68
CA CYS B 30 -2.94 -15.62 13.28
C CYS B 30 -3.65 -14.95 14.45
N ILE B 31 -4.18 -13.77 14.21
CA ILE B 31 -4.89 -13.03 15.25
C ILE B 31 -6.28 -12.68 14.74
N TYR B 32 -7.31 -13.12 15.45
CA TYR B 32 -8.65 -12.80 15.01
C TYR B 32 -8.92 -11.33 15.31
N ASN B 33 -9.44 -10.97 16.48
CA ASN B 33 -9.63 -9.52 16.69
C ASN B 33 -8.38 -8.97 17.38
N GLN B 34 -8.23 -9.29 18.67
CA GLN B 34 -7.05 -8.85 19.40
C GLN B 34 -6.46 -10.09 20.04
N GLU B 35 -6.89 -11.23 19.55
CA GLU B 35 -6.49 -12.52 20.09
C GLU B 35 -5.78 -13.47 19.09
N GLU B 36 -4.57 -13.87 19.44
CA GLU B 36 -3.82 -14.81 18.61
C GLU B 36 -4.53 -16.14 18.82
N SER B 37 -4.91 -16.79 17.73
CA SER B 37 -5.64 -18.06 17.83
C SER B 37 -4.83 -19.31 17.49
N VAL B 38 -3.91 -19.21 16.54
CA VAL B 38 -3.10 -20.35 16.13
C VAL B 38 -1.78 -19.87 15.58
N ARG B 39 -0.71 -20.63 15.80
CA ARG B 39 0.62 -20.24 15.32
C ARG B 39 1.50 -21.40 14.87
N PHE B 40 2.58 -21.05 14.17
CA PHE B 40 3.56 -22.04 13.74
C PHE B 40 4.92 -21.52 14.17
N ASP B 41 5.54 -22.22 15.10
CA ASP B 41 6.86 -21.87 15.63
C ASP B 41 7.80 -22.86 14.93
N SER B 42 8.87 -22.38 14.28
CA SER B 42 9.77 -23.32 13.64
C SER B 42 10.51 -24.14 14.70
N ASP B 43 10.55 -23.63 15.93
CA ASP B 43 11.20 -24.34 17.01
C ASP B 43 10.38 -25.56 17.44
N VAL B 44 9.07 -25.51 17.19
CA VAL B 44 8.18 -26.59 17.54
C VAL B 44 7.99 -27.52 16.34
N GLY B 45 8.03 -26.93 15.15
CA GLY B 45 7.89 -27.72 13.95
C GLY B 45 6.48 -28.00 13.47
N GLU B 46 5.48 -27.44 14.14
CA GLU B 46 4.10 -27.64 13.72
C GLU B 46 3.14 -26.63 14.31
N TYR B 47 1.96 -26.52 13.71
CA TYR B 47 0.96 -25.58 14.19
C TYR B 47 0.44 -26.01 15.55
N ARG B 48 0.20 -25.01 16.40
CA ARG B 48 -0.31 -25.22 17.74
C ARG B 48 -1.39 -24.17 17.99
N ALA B 49 -2.55 -24.59 18.47
CA ALA B 49 -3.63 -23.65 18.74
C ALA B 49 -3.25 -22.82 19.95
N VAL B 50 -3.53 -21.52 19.89
CA VAL B 50 -3.21 -20.65 21.02
C VAL B 50 -4.48 -20.50 21.86
N THR B 51 -5.63 -20.67 21.20
CA THR B 51 -6.92 -20.62 21.87
C THR B 51 -7.81 -21.64 21.17
N GLU B 52 -8.91 -22.01 21.83
CA GLU B 52 -9.83 -22.99 21.26
C GLU B 52 -10.31 -22.58 19.88
N LEU B 53 -10.45 -21.29 19.66
CA LEU B 53 -10.92 -20.77 18.38
C LEU B 53 -10.00 -21.20 17.23
N GLY B 54 -8.74 -21.49 17.55
CA GLY B 54 -7.79 -21.91 16.53
C GLY B 54 -7.55 -23.41 16.40
N ARG B 55 -8.03 -24.20 17.36
CA ARG B 55 -7.84 -25.65 17.33
C ARG B 55 -8.18 -26.32 16.00
N PRO B 56 -9.29 -25.92 15.38
CA PRO B 56 -9.67 -26.52 14.11
C PRO B 56 -8.58 -26.39 13.03
N ASP B 57 -7.96 -25.21 12.97
CA ASP B 57 -6.94 -24.96 11.97
C ASP B 57 -5.63 -25.69 12.25
N ALA B 58 -5.19 -25.67 13.50
CA ALA B 58 -3.97 -26.35 13.87
C ALA B 58 -4.08 -27.82 13.47
N GLU B 59 -5.25 -28.40 13.72
CA GLU B 59 -5.49 -29.80 13.40
C GLU B 59 -5.50 -30.00 11.89
N TYR B 60 -6.24 -29.15 11.20
CA TYR B 60 -6.36 -29.22 9.76
C TYR B 60 -5.04 -29.04 9.01
N TRP B 61 -4.30 -27.97 9.33
CA TRP B 61 -3.02 -27.71 8.67
C TRP B 61 -1.94 -28.74 8.94
N ASN B 62 -1.95 -29.32 10.14
CA ASN B 62 -0.96 -30.33 10.48
C ASN B 62 -1.22 -31.64 9.73
N SER B 63 -2.41 -31.75 9.14
CA SER B 63 -2.75 -32.96 8.39
C SER B 63 -2.28 -32.80 6.96
N GLN B 64 -1.64 -31.67 6.66
CA GLN B 64 -1.13 -31.43 5.30
C GLN B 64 0.39 -31.51 5.26
N LYS B 65 0.90 -32.72 5.13
CA LYS B 65 2.33 -32.99 5.07
C LYS B 65 3.14 -32.06 4.16
N ASP B 66 2.56 -31.68 3.03
CA ASP B 66 3.24 -30.78 2.10
C ASP B 66 3.49 -29.42 2.75
N LEU B 67 2.41 -28.83 3.27
CA LEU B 67 2.47 -27.54 3.95
C LEU B 67 3.53 -27.55 5.05
N LEU B 68 3.44 -28.55 5.93
CA LEU B 68 4.37 -28.66 7.04
C LEU B 68 5.82 -28.70 6.57
N GLU B 69 6.08 -29.45 5.51
CA GLU B 69 7.43 -29.55 4.98
C GLU B 69 7.87 -28.20 4.41
N GLN B 70 6.98 -27.54 3.69
CA GLN B 70 7.29 -26.25 3.09
C GLN B 70 7.53 -25.25 4.21
N ARG B 71 6.67 -25.25 5.22
CA ARG B 71 6.82 -24.32 6.33
C ARG B 71 8.15 -24.56 7.05
N ARG B 72 8.51 -25.83 7.22
CA ARG B 72 9.76 -26.18 7.91
C ARG B 72 11.03 -25.70 7.20
N ALA B 73 10.96 -25.47 5.90
CA ALA B 73 12.13 -25.01 5.16
C ALA B 73 12.12 -23.50 4.96
N ALA B 74 11.04 -22.85 5.42
CA ALA B 74 10.88 -21.40 5.27
C ALA B 74 11.97 -20.66 6.02
N VAL B 75 12.45 -21.27 7.09
CA VAL B 75 13.49 -20.65 7.89
C VAL B 75 14.68 -20.35 6.94
N ASP B 76 14.86 -21.15 5.89
CA ASP B 76 15.93 -20.93 4.93
C ASP B 76 15.45 -20.18 3.68
N THR B 77 14.46 -20.74 2.99
CA THR B 77 13.93 -20.16 1.75
C THR B 77 13.20 -18.84 1.92
N TYR B 78 12.79 -18.54 3.14
CA TYR B 78 12.05 -17.32 3.38
C TYR B 78 12.83 -16.33 4.23
N CYS B 79 13.12 -16.72 5.47
CA CYS B 79 13.85 -15.88 6.39
C CYS B 79 15.28 -15.56 5.96
N ARG B 80 16.14 -16.58 5.92
CA ARG B 80 17.52 -16.35 5.51
C ARG B 80 17.59 -15.69 4.13
N HIS B 81 16.69 -16.10 3.24
CA HIS B 81 16.68 -15.51 1.91
C HIS B 81 16.42 -13.99 1.98
N ASN B 82 15.31 -13.60 2.60
CA ASN B 82 14.98 -12.18 2.70
C ASN B 82 16.00 -11.37 3.50
N TYR B 83 16.65 -12.00 4.46
CA TYR B 83 17.67 -11.32 5.26
C TYR B 83 18.81 -10.94 4.33
N GLY B 84 19.28 -11.89 3.52
CA GLY B 84 20.37 -11.61 2.61
C GLY B 84 19.99 -10.60 1.54
N VAL B 85 18.72 -10.58 1.17
CA VAL B 85 18.24 -9.65 0.16
C VAL B 85 18.27 -8.19 0.60
N GLY B 86 17.99 -7.93 1.88
CA GLY B 86 17.97 -6.55 2.33
C GLY B 86 19.03 -6.15 3.31
N GLU B 87 19.92 -7.09 3.61
CA GLU B 87 21.02 -6.85 4.54
C GLU B 87 21.76 -5.52 4.33
N SER B 88 22.13 -5.23 3.09
CA SER B 88 22.89 -4.03 2.77
C SER B 88 22.26 -2.69 3.17
N PHE B 89 20.93 -2.57 3.07
CA PHE B 89 20.27 -1.32 3.43
C PHE B 89 19.47 -1.33 4.72
N THR B 90 19.56 -2.42 5.48
CA THR B 90 18.85 -2.52 6.74
C THR B 90 19.82 -2.83 7.87
N VAL B 91 20.37 -4.04 7.86
CA VAL B 91 21.33 -4.45 8.88
C VAL B 91 22.56 -3.54 8.86
N GLN B 92 22.95 -3.10 7.68
CA GLN B 92 24.13 -2.25 7.55
C GLN B 92 23.84 -0.75 7.44
N ARG B 93 22.58 -0.37 7.54
CA ARG B 93 22.23 1.03 7.43
C ARG B 93 22.83 1.79 8.61
N ARG B 94 23.43 2.94 8.32
CA ARG B 94 24.03 3.75 9.37
C ARG B 94 23.96 5.23 9.13
N VAL B 95 23.42 5.94 10.11
CA VAL B 95 23.31 7.39 10.03
C VAL B 95 23.79 7.94 11.35
N GLU B 96 24.83 8.77 11.28
CA GLU B 96 25.43 9.37 12.47
C GLU B 96 24.48 10.29 13.22
N PRO B 97 24.50 10.22 14.56
CA PRO B 97 23.62 11.07 15.36
C PRO B 97 24.11 12.50 15.45
N LYS B 98 23.16 13.42 15.52
CA LYS B 98 23.48 14.82 15.67
C LYS B 98 23.48 15.01 17.19
N VAL B 99 24.57 15.55 17.73
CA VAL B 99 24.69 15.72 19.18
C VAL B 99 24.86 17.18 19.59
N THR B 100 24.09 17.60 20.57
CA THR B 100 24.19 18.97 21.06
C THR B 100 23.88 19.03 22.56
N VAL B 101 24.57 19.92 23.28
CA VAL B 101 24.38 20.07 24.73
C VAL B 101 24.02 21.49 25.13
N TYR B 102 22.92 21.62 25.87
CA TYR B 102 22.47 22.93 26.32
C TYR B 102 21.69 22.78 27.62
N PRO B 103 21.56 23.86 28.39
CA PRO B 103 20.80 23.77 29.65
C PRO B 103 19.30 23.72 29.42
N SER B 104 18.59 23.03 30.31
CA SER B 104 17.13 22.90 30.20
C SER B 104 16.39 24.23 30.36
N LYS B 105 15.26 24.35 29.68
CA LYS B 105 14.45 25.56 29.72
C LYS B 105 13.67 25.63 31.03
N THR B 106 13.67 24.52 31.76
CA THR B 106 12.96 24.46 33.03
C THR B 106 13.79 24.92 34.22
N GLN B 107 14.79 24.13 34.61
CA GLN B 107 15.66 24.48 35.72
C GLN B 107 14.85 24.75 37.00
N PRO B 108 14.33 23.70 37.65
CA PRO B 108 13.53 23.88 38.86
C PRO B 108 14.29 24.41 40.09
N LEU B 109 15.00 23.54 40.79
CA LEU B 109 15.75 23.92 42.00
C LEU B 109 16.92 24.87 41.75
N GLN B 110 16.90 26.00 42.45
CA GLN B 110 17.90 27.06 42.36
C GLN B 110 19.34 26.67 42.04
N HIS B 111 20.17 26.53 43.08
CA HIS B 111 21.57 26.17 42.89
C HIS B 111 21.76 24.80 42.24
N HIS B 112 21.12 24.62 41.08
CA HIS B 112 21.19 23.38 40.32
C HIS B 112 20.97 23.66 38.84
N ASN B 113 21.87 23.16 38.01
CA ASN B 113 21.75 23.34 36.58
C ASN B 113 21.46 22.00 35.91
N LEU B 114 20.28 21.89 35.30
CA LEU B 114 19.87 20.66 34.63
C LEU B 114 20.34 20.71 33.18
N LEU B 115 21.30 19.84 32.84
CA LEU B 115 21.84 19.80 31.48
C LEU B 115 21.12 18.79 30.60
N VAL B 116 20.95 19.15 29.33
CA VAL B 116 20.27 18.30 28.36
C VAL B 116 21.21 17.88 27.24
N CYS B 117 21.28 16.57 26.97
CA CYS B 117 22.11 16.10 25.87
C CYS B 117 21.15 15.58 24.81
N SER B 118 20.97 16.35 23.75
CA SER B 118 20.08 15.99 22.66
C SER B 118 20.86 15.16 21.62
N VAL B 119 20.38 13.95 21.36
CA VAL B 119 21.01 13.04 20.39
C VAL B 119 19.94 12.63 19.39
N SER B 120 19.99 13.16 18.17
CA SER B 120 18.95 12.87 17.19
C SER B 120 19.34 12.44 15.77
N GLY B 121 18.31 12.10 14.99
CA GLY B 121 18.48 11.68 13.61
C GLY B 121 19.37 10.48 13.32
N PHE B 122 19.64 9.64 14.32
CA PHE B 122 20.52 8.49 14.10
C PHE B 122 19.85 7.15 13.73
N TYR B 123 20.69 6.21 13.31
CA TYR B 123 20.27 4.86 12.94
C TYR B 123 21.51 3.99 12.89
N PRO B 124 21.44 2.76 13.41
CA PRO B 124 20.29 2.10 14.05
C PRO B 124 19.95 2.62 15.45
N GLY B 125 18.90 2.06 16.05
CA GLY B 125 18.45 2.47 17.37
C GLY B 125 19.38 2.17 18.52
N SER B 126 20.26 1.20 18.34
CA SER B 126 21.20 0.81 19.39
C SER B 126 22.19 1.96 19.65
N ILE B 127 22.21 2.45 20.89
CA ILE B 127 23.10 3.57 21.20
C ILE B 127 23.35 3.74 22.71
N GLU B 128 24.52 4.23 23.05
CA GLU B 128 24.89 4.46 24.44
C GLU B 128 25.26 5.92 24.70
N VAL B 129 24.53 6.56 25.59
CA VAL B 129 24.76 7.95 25.93
C VAL B 129 25.13 8.07 27.40
N ARG B 130 26.34 8.54 27.68
CA ARG B 130 26.80 8.68 29.06
C ARG B 130 27.21 10.11 29.42
N TRP B 131 27.16 10.40 30.72
CA TRP B 131 27.54 11.72 31.24
C TRP B 131 28.75 11.56 32.15
N PHE B 132 29.69 12.50 32.04
CA PHE B 132 30.88 12.47 32.88
C PHE B 132 31.15 13.84 33.50
N ARG B 133 31.61 13.84 34.75
CA ARG B 133 31.93 15.10 35.40
C ARG B 133 33.43 15.06 35.67
N ASN B 134 34.20 15.79 34.87
CA ASN B 134 35.64 15.84 35.02
C ASN B 134 36.27 14.48 34.71
N GLY B 135 35.80 13.84 33.64
CA GLY B 135 36.36 12.55 33.24
C GLY B 135 35.88 11.32 34.00
N GLN B 136 34.99 11.49 34.97
CA GLN B 136 34.47 10.36 35.73
C GLN B 136 32.96 10.24 35.54
N GLU B 137 32.51 9.08 35.08
CA GLU B 137 31.09 8.85 34.82
C GLU B 137 30.14 9.18 35.96
N GLU B 138 28.94 9.58 35.58
CA GLU B 138 27.89 9.94 36.53
C GLU B 138 26.79 8.88 36.50
N LYS B 139 26.39 8.41 37.67
CA LYS B 139 25.34 7.40 37.75
C LYS B 139 24.02 8.04 38.18
N ALA B 140 24.08 8.77 39.27
CA ALA B 140 22.89 9.43 39.82
C ALA B 140 22.57 10.75 39.12
N GLY B 141 21.34 11.22 39.31
CA GLY B 141 20.91 12.47 38.69
C GLY B 141 20.64 12.34 37.21
N VAL B 142 21.07 11.25 36.61
CA VAL B 142 20.88 10.99 35.20
C VAL B 142 19.47 10.47 34.91
N VAL B 143 18.80 11.11 33.97
CA VAL B 143 17.45 10.69 33.60
C VAL B 143 17.23 10.80 32.09
N SER B 144 16.85 9.69 31.48
CA SER B 144 16.59 9.66 30.05
C SER B 144 15.10 9.66 29.72
N THR B 145 14.78 10.19 28.55
CA THR B 145 13.41 10.25 28.08
C THR B 145 13.07 8.96 27.36
N GLY B 146 14.09 8.19 27.03
CA GLY B 146 13.88 6.93 26.34
C GLY B 146 14.22 7.04 24.86
N LEU B 147 14.30 5.89 24.19
CA LEU B 147 14.60 5.85 22.76
C LEU B 147 13.32 6.09 21.96
N ILE B 148 13.32 7.11 21.12
CA ILE B 148 12.14 7.43 20.32
C ILE B 148 12.34 7.07 18.84
N GLN B 149 11.48 6.19 18.35
CA GLN B 149 11.52 5.74 16.95
C GLN B 149 10.61 6.67 16.16
N ASN B 150 11.19 7.51 15.31
CA ASN B 150 10.43 8.48 14.52
C ASN B 150 9.56 7.94 13.38
N GLY B 151 9.73 6.67 13.04
CA GLY B 151 8.94 6.07 11.98
C GLY B 151 9.55 6.22 10.60
N ASP B 152 10.65 6.95 10.51
CA ASP B 152 11.31 7.17 9.21
C ASP B 152 12.74 6.63 9.22
N TRP B 153 12.96 5.53 9.94
CA TRP B 153 14.28 4.93 10.06
C TRP B 153 15.23 5.90 10.73
N THR B 154 14.70 6.64 11.69
CA THR B 154 15.47 7.61 12.43
C THR B 154 15.08 7.56 13.90
N PHE B 155 16.05 7.80 14.77
CA PHE B 155 15.80 7.81 16.20
C PHE B 155 16.29 9.09 16.86
N GLN B 156 15.80 9.33 18.07
CA GLN B 156 16.19 10.51 18.83
C GLN B 156 16.01 10.21 20.30
N THR B 157 16.74 10.92 21.15
CA THR B 157 16.62 10.73 22.58
C THR B 157 17.26 11.91 23.34
N LEU B 158 16.74 12.19 24.53
CA LEU B 158 17.24 13.26 25.38
C LEU B 158 17.71 12.69 26.73
N VAL B 159 18.96 12.96 27.09
CA VAL B 159 19.47 12.49 28.36
C VAL B 159 19.89 13.67 29.23
N MET B 160 19.18 13.87 30.33
CA MET B 160 19.45 14.98 31.24
C MET B 160 20.44 14.62 32.35
N LEU B 161 20.90 15.65 33.04
CA LEU B 161 21.84 15.51 34.14
C LEU B 161 21.75 16.72 35.07
N GLU B 162 21.17 16.55 36.26
CA GLU B 162 21.09 17.67 37.20
C GLU B 162 22.48 17.83 37.80
N THR B 163 22.88 19.08 38.04
CA THR B 163 24.21 19.31 38.60
C THR B 163 24.27 20.46 39.61
N VAL B 164 25.34 20.44 40.39
CA VAL B 164 25.63 21.47 41.37
C VAL B 164 26.89 22.08 40.76
N PRO B 165 26.71 22.90 39.72
CA PRO B 165 27.76 23.58 38.96
C PRO B 165 28.79 24.38 39.75
N ARG B 166 30.05 24.13 39.44
CA ARG B 166 31.18 24.81 40.06
C ARG B 166 32.10 25.26 38.95
N SER B 167 32.33 26.57 38.86
CA SER B 167 33.20 27.12 37.81
C SER B 167 34.40 26.22 37.58
N GLY B 168 34.76 26.02 36.31
CA GLY B 168 35.90 25.19 35.99
C GLY B 168 35.58 23.73 35.69
N GLU B 169 34.42 23.26 36.12
CA GLU B 169 34.04 21.87 35.89
C GLU B 169 33.72 21.59 34.42
N VAL B 170 33.94 20.35 34.03
CA VAL B 170 33.68 19.93 32.65
C VAL B 170 32.76 18.72 32.60
N TYR B 171 31.49 18.96 32.25
CA TYR B 171 30.50 17.90 32.13
C TYR B 171 30.45 17.44 30.68
N THR B 172 30.81 16.18 30.45
CA THR B 172 30.82 15.66 29.09
C THR B 172 29.71 14.66 28.78
N CYS B 173 29.12 14.80 27.60
CA CYS B 173 28.10 13.86 27.14
C CYS B 173 28.83 12.99 26.14
N GLN B 174 28.90 11.69 26.42
CA GLN B 174 29.58 10.78 25.51
C GLN B 174 28.57 9.90 24.81
N VAL B 175 28.76 9.71 23.52
CA VAL B 175 27.83 8.91 22.73
C VAL B 175 28.55 7.86 21.91
N GLU B 176 28.16 6.61 22.10
CA GLU B 176 28.73 5.50 21.34
C GLU B 176 27.64 4.95 20.44
N HIS B 177 27.96 4.82 19.17
CA HIS B 177 26.99 4.35 18.19
C HIS B 177 27.73 3.65 17.06
N PRO B 178 27.09 2.65 16.43
CA PRO B 178 27.73 1.92 15.33
C PRO B 178 28.19 2.78 14.15
N SER B 179 27.66 4.00 14.05
CA SER B 179 28.03 4.86 12.93
C SER B 179 29.41 5.49 13.09
N VAL B 180 30.02 5.31 14.25
CA VAL B 180 31.34 5.89 14.47
C VAL B 180 32.32 4.94 15.14
N THR B 181 33.58 5.04 14.71
CA THR B 181 34.66 4.21 15.24
C THR B 181 35.03 4.61 16.65
N SER B 182 34.88 5.89 16.97
CA SER B 182 35.20 6.39 18.30
C SER B 182 34.05 7.21 18.84
N PRO B 183 33.83 7.18 20.15
CA PRO B 183 32.73 7.95 20.74
C PRO B 183 32.73 9.44 20.45
N LEU B 184 31.53 10.00 20.34
CA LEU B 184 31.36 11.42 20.09
C LEU B 184 31.22 12.08 21.46
N THR B 185 31.86 13.23 21.64
CA THR B 185 31.79 13.95 22.91
C THR B 185 31.44 15.44 22.76
N VAL B 186 30.60 15.92 23.65
CA VAL B 186 30.19 17.33 23.66
C VAL B 186 30.29 17.80 25.10
N GLU B 187 31.14 18.80 25.34
CA GLU B 187 31.34 19.28 26.71
C GLU B 187 30.58 20.54 27.10
N TRP B 188 30.26 20.61 28.38
CA TRP B 188 29.59 21.78 28.93
C TRP B 188 30.55 22.33 29.96
N ARG B 189 31.10 23.51 29.69
CA ARG B 189 32.05 24.13 30.62
C ARG B 189 31.30 24.96 31.64
N ALA B 190 31.39 24.55 32.89
CA ALA B 190 30.72 25.25 33.99
C ALA B 190 31.57 26.46 34.38
N ALA C 1 17.72 -7.61 -6.05
CA ALA C 1 17.29 -8.88 -5.40
C ALA C 1 15.82 -8.78 -4.99
N ALA C 2 15.07 -9.86 -5.18
CA ALA C 2 13.66 -9.86 -4.85
C ALA C 2 13.28 -10.48 -3.52
N TYR C 3 12.34 -9.83 -2.84
CA TYR C 3 11.82 -10.34 -1.56
C TYR C 3 10.83 -11.44 -1.83
N SER C 4 10.87 -12.48 -1.01
CA SER C 4 9.91 -13.57 -1.17
C SER C 4 8.89 -13.37 -0.07
N ASP C 5 7.67 -13.83 -0.30
CA ASP C 5 6.65 -13.69 0.72
C ASP C 5 6.08 -15.07 1.03
N GLN C 6 5.47 -15.20 2.20
CA GLN C 6 4.86 -16.47 2.56
C GLN C 6 3.41 -16.42 2.11
N ALA C 7 2.93 -17.54 1.55
CA ALA C 7 1.56 -17.60 1.09
C ALA C 7 0.65 -17.97 2.25
N THR C 8 -0.54 -17.40 2.26
CA THR C 8 -1.49 -17.69 3.32
C THR C 8 -2.30 -18.94 2.96
N PRO C 9 -2.48 -19.84 3.94
CA PRO C 9 -3.25 -21.06 3.67
C PRO C 9 -4.68 -20.80 4.11
N LEU C 10 -5.63 -21.43 3.44
CA LEU C 10 -7.02 -21.27 3.80
C LEU C 10 -7.27 -21.98 5.13
N LEU C 11 -8.29 -21.50 5.86
CA LEU C 11 -8.68 -22.06 7.15
C LEU C 11 -9.61 -23.23 6.94
N LEU C 12 -9.90 -23.93 8.04
CA LEU C 12 -10.81 -25.08 8.00
C LEU C 12 -12.24 -24.52 7.86
N SER C 13 -12.88 -24.81 6.73
CA SER C 13 -14.24 -24.32 6.47
C SER C 13 -15.28 -24.88 7.44
N GLU D 1 -10.17 21.06 -20.16
CA GLU D 1 -9.69 20.92 -21.57
C GLU D 1 -9.51 19.43 -21.89
N SER D 2 -9.36 19.12 -23.17
CA SER D 2 -9.18 17.74 -23.60
C SER D 2 -7.71 17.31 -23.57
N GLN D 3 -7.50 16.00 -23.48
CA GLN D 3 -6.16 15.44 -23.42
C GLN D 3 -5.35 15.67 -24.71
N PRO D 4 -4.12 16.19 -24.58
CA PRO D 4 -3.21 16.48 -25.69
C PRO D 4 -2.83 15.22 -26.46
N ASP D 5 -2.86 15.29 -27.79
CA ASP D 5 -2.49 14.13 -28.61
C ASP D 5 -1.08 13.69 -28.27
N PRO D 6 -0.76 12.43 -28.57
CA PRO D 6 0.59 11.93 -28.28
C PRO D 6 1.61 12.29 -29.33
N MET D 7 2.87 12.39 -28.88
CA MET D 7 4.00 12.65 -29.76
C MET D 7 4.68 11.29 -29.83
N PRO D 8 5.43 11.01 -30.91
CA PRO D 8 6.11 9.72 -31.02
C PRO D 8 6.82 9.25 -29.75
N ASP D 9 7.41 10.18 -29.01
CA ASP D 9 8.11 9.83 -27.78
C ASP D 9 7.15 9.48 -26.65
N ASP D 10 5.87 9.78 -26.85
CA ASP D 10 4.84 9.50 -25.84
C ASP D 10 4.25 8.11 -26.05
N LEU D 11 4.62 7.45 -27.15
CA LEU D 11 4.06 6.15 -27.47
C LEU D 11 4.95 4.92 -27.31
N HIS D 12 4.33 3.83 -26.89
CA HIS D 12 5.03 2.55 -26.72
C HIS D 12 5.37 2.05 -28.12
N LYS D 13 6.57 1.47 -28.27
CA LYS D 13 6.98 0.92 -29.55
C LYS D 13 7.03 -0.59 -29.39
N SER D 14 6.38 -1.31 -30.29
CA SER D 14 6.39 -2.76 -30.19
C SER D 14 7.81 -3.31 -30.34
N SER D 15 8.67 -2.57 -31.03
CA SER D 15 10.05 -3.02 -31.22
C SER D 15 10.78 -3.02 -29.89
N GLU D 16 10.22 -2.32 -28.90
CA GLU D 16 10.82 -2.24 -27.58
C GLU D 16 10.16 -3.22 -26.60
N PHE D 17 9.27 -4.05 -27.12
CA PHE D 17 8.59 -5.06 -26.32
C PHE D 17 9.11 -6.40 -26.82
N THR D 18 9.61 -7.25 -25.92
CA THR D 18 10.16 -8.53 -26.34
C THR D 18 9.39 -9.73 -25.82
N GLY D 19 8.23 -9.48 -25.22
CA GLY D 19 7.41 -10.56 -24.71
C GLY D 19 6.62 -11.17 -25.85
N THR D 20 5.51 -11.83 -25.52
CA THR D 20 4.65 -12.46 -26.52
C THR D 20 3.42 -11.60 -26.83
N MET D 21 3.41 -10.95 -27.99
CA MET D 21 2.29 -10.09 -28.38
C MET D 21 0.97 -10.85 -28.32
N GLY D 22 1.05 -12.17 -28.37
CA GLY D 22 -0.15 -12.99 -28.31
C GLY D 22 -0.91 -12.69 -27.02
N ASN D 23 -0.19 -12.27 -26.00
CA ASN D 23 -0.81 -11.96 -24.74
C ASN D 23 -1.60 -10.64 -24.77
N MET D 24 -1.31 -9.79 -25.74
CA MET D 24 -2.04 -8.55 -25.90
C MET D 24 -3.24 -8.92 -26.79
N LYS D 25 -2.96 -9.65 -27.87
CA LYS D 25 -3.98 -10.11 -28.80
C LYS D 25 -5.13 -10.80 -28.07
N TYR D 26 -4.77 -11.66 -27.14
CA TYR D 26 -5.71 -12.41 -26.33
C TYR D 26 -6.84 -11.55 -25.71
N LEU D 27 -6.52 -10.32 -25.36
CA LEU D 27 -7.51 -9.44 -24.72
C LEU D 27 -8.53 -8.79 -25.64
N TYR D 28 -8.30 -8.83 -26.95
CA TYR D 28 -9.22 -8.21 -27.87
C TYR D 28 -9.77 -9.11 -28.97
N ASP D 29 -9.20 -10.30 -29.11
CA ASP D 29 -9.66 -11.22 -30.15
C ASP D 29 -10.87 -12.02 -29.66
N ASP D 30 -12.07 -11.57 -30.04
CA ASP D 30 -13.32 -12.23 -29.65
C ASP D 30 -13.23 -12.59 -28.17
N HIS D 31 -12.89 -11.59 -27.37
CA HIS D 31 -12.69 -11.76 -25.94
C HIS D 31 -13.32 -10.58 -25.21
N TYR D 32 -14.33 -10.86 -24.40
CA TYR D 32 -15.00 -9.81 -23.64
C TYR D 32 -16.10 -10.41 -22.77
N VAL D 33 -16.49 -9.65 -21.75
CA VAL D 33 -17.54 -10.04 -20.82
C VAL D 33 -18.72 -9.17 -21.18
N SER D 34 -19.91 -9.76 -21.27
CA SER D 34 -21.10 -8.98 -21.58
C SER D 34 -22.33 -9.44 -20.77
N ALA D 35 -22.95 -8.50 -20.09
CA ALA D 35 -24.14 -8.80 -19.29
C ALA D 35 -25.16 -7.67 -19.44
N THR D 36 -26.44 -8.02 -19.36
CA THR D 36 -27.50 -7.04 -19.48
C THR D 36 -28.52 -7.13 -18.35
N LYS D 37 -28.77 -5.99 -17.70
CA LYS D 37 -29.71 -5.88 -16.61
C LYS D 37 -29.34 -6.78 -15.42
N VAL D 38 -28.26 -6.39 -14.73
CA VAL D 38 -27.77 -7.13 -13.57
C VAL D 38 -27.37 -6.15 -12.47
N LYS D 39 -27.38 -6.60 -11.22
CA LYS D 39 -26.97 -5.74 -10.11
C LYS D 39 -25.83 -6.44 -9.38
N SER D 40 -24.93 -5.66 -8.80
CA SER D 40 -23.80 -6.24 -8.07
C SER D 40 -24.33 -7.02 -6.88
N VAL D 41 -23.60 -8.05 -6.48
CA VAL D 41 -24.01 -8.85 -5.34
C VAL D 41 -22.96 -8.91 -4.25
N ASP D 42 -21.79 -8.31 -4.51
CA ASP D 42 -20.73 -8.35 -3.52
C ASP D 42 -19.69 -7.28 -3.85
N SER D 43 -18.64 -7.24 -3.05
CA SER D 43 -17.57 -6.28 -3.24
C SER D 43 -16.36 -6.72 -2.44
N PHE D 44 -15.17 -6.66 -3.04
CA PHE D 44 -13.96 -7.08 -2.35
C PHE D 44 -13.35 -5.85 -1.66
N PHE D 45 -12.93 -4.87 -2.46
CA PHE D 45 -12.39 -3.62 -1.93
C PHE D 45 -13.46 -2.58 -2.27
N LYS D 46 -13.48 -1.46 -1.54
CA LYS D 46 -14.52 -0.47 -1.74
C LYS D 46 -14.61 0.17 -3.12
N TRP D 47 -13.57 0.00 -3.95
CA TRP D 47 -13.63 0.60 -5.29
C TRP D 47 -14.01 -0.40 -6.37
N ASP D 48 -14.44 -1.61 -5.99
CA ASP D 48 -14.84 -2.60 -6.99
C ASP D 48 -16.21 -3.20 -6.72
N LEU D 49 -16.78 -3.84 -7.75
CA LEU D 49 -18.08 -4.48 -7.64
C LEU D 49 -18.00 -5.86 -8.27
N ILE D 50 -18.71 -6.80 -7.66
CA ILE D 50 -18.72 -8.18 -8.12
C ILE D 50 -20.12 -8.56 -8.60
N TYR D 51 -20.19 -9.17 -9.79
CA TYR D 51 -21.46 -9.58 -10.37
C TYR D 51 -21.51 -11.06 -10.68
N ASN D 52 -22.74 -11.58 -10.78
CA ASN D 52 -22.95 -12.97 -11.13
C ASN D 52 -23.20 -12.99 -12.64
N ILE D 53 -22.17 -13.34 -13.38
CA ILE D 53 -22.22 -13.41 -14.84
C ILE D 53 -21.51 -14.70 -15.23
N SER D 54 -22.16 -15.51 -16.04
CA SER D 54 -21.57 -16.79 -16.45
C SER D 54 -20.95 -16.77 -17.83
N ASP D 55 -19.87 -17.52 -17.98
CA ASP D 55 -19.18 -17.62 -19.26
C ASP D 55 -19.95 -18.62 -20.12
N LYS D 56 -21.05 -18.16 -20.70
CA LYS D 56 -21.86 -19.02 -21.56
C LYS D 56 -20.97 -19.68 -22.61
N LYS D 57 -19.95 -18.94 -23.05
CA LYS D 57 -19.01 -19.43 -24.05
C LYS D 57 -18.42 -20.78 -23.64
N LEU D 58 -17.37 -20.74 -22.81
CA LEU D 58 -16.69 -21.96 -22.37
C LEU D 58 -16.78 -22.28 -20.88
N LYS D 59 -17.80 -21.76 -20.19
CA LYS D 59 -17.97 -22.03 -18.77
C LYS D 59 -16.68 -21.84 -17.99
N ASN D 60 -15.99 -20.72 -18.21
CA ASN D 60 -14.72 -20.45 -17.52
C ASN D 60 -14.87 -19.65 -16.23
N TYR D 61 -16.06 -19.12 -15.96
CA TYR D 61 -16.29 -18.31 -14.77
C TYR D 61 -17.78 -18.00 -14.60
N ASP D 62 -18.18 -17.68 -13.38
CA ASP D 62 -19.58 -17.34 -13.12
C ASP D 62 -19.64 -16.10 -12.23
N LYS D 63 -18.46 -15.64 -11.79
CA LYS D 63 -18.33 -14.45 -10.95
C LYS D 63 -17.35 -13.51 -11.65
N VAL D 64 -17.69 -12.23 -11.72
CA VAL D 64 -16.80 -11.24 -12.35
C VAL D 64 -16.58 -10.05 -11.44
N LYS D 65 -15.34 -9.62 -11.30
CA LYS D 65 -15.07 -8.45 -10.49
C LYS D 65 -14.59 -7.32 -11.40
N THR D 66 -15.21 -6.15 -11.27
CA THR D 66 -14.73 -5.04 -12.06
C THR D 66 -14.24 -3.98 -11.09
N GLU D 67 -13.04 -3.47 -11.33
CA GLU D 67 -12.47 -2.45 -10.46
C GLU D 67 -12.66 -1.08 -11.11
N LEU D 68 -12.98 -0.10 -10.28
CA LEU D 68 -13.20 1.27 -10.73
C LEU D 68 -12.14 2.18 -10.15
N LEU D 69 -12.04 3.37 -10.72
CA LEU D 69 -11.05 4.35 -10.29
C LEU D 69 -11.12 4.78 -8.82
N ASN D 70 -12.30 4.68 -8.21
CA ASN D 70 -12.44 5.09 -6.80
C ASN D 70 -13.73 4.61 -6.16
N GLU D 71 -13.84 4.80 -4.85
CA GLU D 71 -15.02 4.37 -4.11
C GLU D 71 -16.32 5.03 -4.58
N ASP D 72 -16.28 6.32 -4.93
CA ASP D 72 -17.50 6.99 -5.38
C ASP D 72 -18.09 6.33 -6.61
N LEU D 73 -17.23 5.93 -7.54
CA LEU D 73 -17.72 5.26 -8.74
C LEU D 73 -18.43 3.97 -8.35
N ALA D 74 -17.82 3.22 -7.43
CA ALA D 74 -18.40 1.97 -6.96
C ALA D 74 -19.73 2.24 -6.24
N LYS D 75 -19.74 3.23 -5.36
CA LYS D 75 -20.98 3.57 -4.64
C LYS D 75 -22.07 3.91 -5.64
N LYS D 76 -21.70 4.68 -6.65
CA LYS D 76 -22.62 5.10 -7.69
C LYS D 76 -23.38 3.94 -8.34
N TYR D 77 -22.68 2.84 -8.65
CA TYR D 77 -23.34 1.70 -9.31
C TYR D 77 -23.68 0.50 -8.45
N LYS D 78 -23.25 0.51 -7.19
CA LYS D 78 -23.51 -0.61 -6.29
C LYS D 78 -24.94 -1.15 -6.33
N ASP D 79 -25.94 -0.29 -6.23
CA ASP D 79 -27.31 -0.79 -6.24
C ASP D 79 -28.10 -0.45 -7.49
N GLU D 80 -27.40 -0.22 -8.59
CA GLU D 80 -28.07 0.10 -9.85
C GLU D 80 -28.27 -1.15 -10.69
N VAL D 81 -29.26 -1.09 -11.59
CA VAL D 81 -29.50 -2.19 -12.51
C VAL D 81 -28.67 -1.72 -13.68
N VAL D 82 -27.63 -2.47 -14.00
CA VAL D 82 -26.74 -2.05 -15.05
C VAL D 82 -26.50 -3.09 -16.14
N ASP D 83 -25.64 -2.70 -17.08
CA ASP D 83 -25.19 -3.54 -18.19
C ASP D 83 -23.68 -3.54 -18.04
N VAL D 84 -23.03 -4.61 -18.47
CA VAL D 84 -21.58 -4.70 -18.35
C VAL D 84 -20.92 -5.17 -19.66
N TYR D 85 -19.84 -4.50 -20.04
CA TYR D 85 -19.09 -4.86 -21.22
C TYR D 85 -17.64 -4.48 -21.02
N GLY D 86 -16.73 -5.43 -21.21
CA GLY D 86 -15.33 -5.15 -21.01
C GLY D 86 -14.43 -6.32 -21.30
N SER D 87 -13.13 -6.05 -21.32
CA SER D 87 -12.11 -7.06 -21.58
C SER D 87 -11.64 -7.62 -20.23
N ASN D 88 -11.76 -8.92 -20.05
CA ASN D 88 -11.38 -9.55 -18.77
C ASN D 88 -10.03 -10.27 -18.79
N TYR D 89 -9.48 -10.51 -17.60
CA TYR D 89 -8.20 -11.21 -17.45
C TYR D 89 -8.29 -12.25 -16.33
N TYR D 90 -7.34 -13.19 -16.31
CA TYR D 90 -7.29 -14.25 -15.29
C TYR D 90 -5.99 -14.22 -14.52
N VAL D 91 -4.89 -13.98 -15.22
CA VAL D 91 -3.58 -13.92 -14.58
C VAL D 91 -3.63 -12.77 -13.56
N ASN D 92 -3.39 -13.11 -12.30
CA ASN D 92 -3.41 -12.14 -11.21
C ASN D 92 -4.80 -11.56 -10.92
N CYS D 93 -5.84 -12.36 -11.17
CA CYS D 93 -7.20 -11.96 -10.86
C CYS D 93 -7.47 -12.59 -9.49
N TYR D 94 -7.68 -11.74 -8.49
CA TYR D 94 -7.91 -12.20 -7.13
C TYR D 94 -9.06 -11.50 -6.41
N PHE D 95 -9.83 -12.27 -5.66
CA PHE D 95 -10.91 -11.76 -4.84
C PHE D 95 -11.66 -12.91 -4.18
N SER D 96 -12.20 -12.64 -3.00
CA SER D 96 -12.91 -13.62 -2.20
C SER D 96 -14.44 -13.48 -2.36
N GLY D 106 -17.13 -22.44 -8.52
CA GLY D 106 -17.30 -21.50 -9.68
C GLY D 106 -16.06 -20.70 -9.99
N GLY D 107 -15.76 -20.57 -11.29
CA GLY D 107 -14.59 -19.82 -11.71
C GLY D 107 -14.78 -18.34 -11.59
N LYS D 108 -13.67 -17.59 -11.61
CA LYS D 108 -13.71 -16.15 -11.49
C LYS D 108 -12.88 -15.47 -12.58
N THR D 109 -13.24 -14.23 -12.90
CA THR D 109 -12.48 -13.45 -13.87
C THR D 109 -12.52 -11.98 -13.42
N CYS D 110 -11.56 -11.18 -13.86
CA CYS D 110 -11.52 -9.78 -13.45
C CYS D 110 -11.54 -8.79 -14.62
N MET D 111 -11.87 -7.53 -14.32
CA MET D 111 -11.92 -6.47 -15.34
C MET D 111 -11.96 -5.08 -14.69
N TYR D 112 -12.04 -4.05 -15.51
CA TYR D 112 -12.09 -2.66 -15.01
C TYR D 112 -13.21 -1.90 -15.70
N GLY D 113 -13.73 -0.88 -15.04
CA GLY D 113 -14.82 -0.09 -15.60
C GLY D 113 -15.86 -0.95 -16.26
N GLY D 114 -16.35 -0.53 -17.43
CA GLY D 114 -17.33 -1.31 -18.17
C GLY D 114 -18.78 -1.28 -17.69
N ILE D 115 -19.09 -0.39 -16.75
CA ILE D 115 -20.45 -0.31 -16.23
C ILE D 115 -21.29 0.87 -16.75
N THR D 116 -22.54 0.60 -17.12
CA THR D 116 -23.47 1.62 -17.58
C THR D 116 -24.89 1.33 -17.11
N LYS D 117 -25.59 2.38 -16.68
CA LYS D 117 -26.97 2.26 -16.20
C LYS D 117 -27.79 1.65 -17.32
N HIS D 118 -28.66 0.70 -16.98
CA HIS D 118 -29.49 0.04 -17.97
C HIS D 118 -30.80 0.77 -18.29
N GLU D 119 -31.30 1.54 -17.33
CA GLU D 119 -32.55 2.27 -17.48
C GLU D 119 -32.56 3.26 -18.63
N GLY D 120 -33.45 3.03 -19.60
CA GLY D 120 -33.58 3.90 -20.74
C GLY D 120 -32.29 4.25 -21.47
N ASN D 121 -31.42 3.25 -21.64
CA ASN D 121 -30.17 3.48 -22.33
C ASN D 121 -30.10 2.61 -23.57
N HIS D 122 -31.20 1.92 -23.86
CA HIS D 122 -31.25 1.04 -25.01
C HIS D 122 -32.18 1.54 -26.12
N PHE D 123 -32.14 0.85 -27.26
CA PHE D 123 -32.96 1.19 -28.41
C PHE D 123 -34.03 0.12 -28.58
N ASP D 124 -35.24 0.55 -28.92
CA ASP D 124 -36.36 -0.37 -29.11
C ASP D 124 -36.19 -1.20 -30.38
N ASN D 125 -36.57 -2.48 -30.29
CA ASN D 125 -36.49 -3.42 -31.40
C ASN D 125 -35.08 -3.87 -31.73
N GLY D 126 -34.28 -4.11 -30.69
CA GLY D 126 -32.91 -4.56 -30.90
C GLY D 126 -32.12 -3.72 -31.88
N ASN D 127 -32.39 -2.42 -31.88
CA ASN D 127 -31.68 -1.52 -32.77
C ASN D 127 -30.29 -1.21 -32.26
N LEU D 128 -29.31 -1.32 -33.14
CA LEU D 128 -27.92 -1.04 -32.79
C LEU D 128 -27.49 0.29 -33.40
N GLN D 129 -26.62 0.99 -32.70
CA GLN D 129 -26.11 2.27 -33.18
C GLN D 129 -24.74 2.04 -33.80
N ASN D 130 -24.52 2.58 -34.99
CA ASN D 130 -23.22 2.43 -35.64
C ASN D 130 -22.30 3.59 -35.25
N VAL D 131 -21.03 3.28 -35.09
CA VAL D 131 -20.05 4.31 -34.73
C VAL D 131 -18.92 4.27 -35.73
N LEU D 132 -18.58 5.43 -36.25
CA LEU D 132 -17.52 5.57 -37.24
C LEU D 132 -16.12 5.38 -36.71
N VAL D 133 -15.34 4.57 -37.41
CA VAL D 133 -13.97 4.36 -37.04
C VAL D 133 -13.12 4.56 -38.29
N ARG D 134 -12.17 5.48 -38.22
CA ARG D 134 -11.28 5.71 -39.38
C ARG D 134 -9.86 5.33 -39.00
N VAL D 135 -9.26 4.47 -39.83
CA VAL D 135 -7.91 4.01 -39.57
C VAL D 135 -6.87 4.76 -40.38
N TYR D 136 -5.81 5.18 -39.69
CA TYR D 136 -4.71 5.91 -40.31
C TYR D 136 -3.41 5.15 -40.14
N GLU D 137 -2.72 4.91 -41.24
CA GLU D 137 -1.43 4.22 -41.22
C GLU D 137 -0.39 5.20 -41.77
N ASN D 138 0.53 5.60 -40.90
CA ASN D 138 1.56 6.56 -41.28
C ASN D 138 0.91 7.85 -41.78
N LYS D 139 -0.05 8.32 -40.99
CA LYS D 139 -0.77 9.57 -41.22
C LYS D 139 -1.78 9.63 -42.36
N ARG D 140 -2.00 8.52 -43.06
CA ARG D 140 -2.98 8.52 -44.15
C ARG D 140 -4.11 7.54 -43.86
N ASN D 141 -5.34 7.98 -44.12
CA ASN D 141 -6.52 7.16 -43.89
C ASN D 141 -6.49 5.97 -44.86
N THR D 142 -6.36 4.76 -44.32
CA THR D 142 -6.32 3.55 -45.16
C THR D 142 -7.67 2.88 -45.30
N ILE D 143 -8.35 2.67 -44.17
CA ILE D 143 -9.67 2.06 -44.20
C ILE D 143 -10.58 2.72 -43.19
N SER D 144 -11.88 2.58 -43.40
CA SER D 144 -12.87 3.14 -42.50
C SER D 144 -13.99 2.12 -42.38
N PHE D 145 -14.64 2.10 -41.23
CA PHE D 145 -15.73 1.17 -40.99
C PHE D 145 -16.54 1.59 -39.77
N GLU D 146 -17.37 0.68 -39.29
CA GLU D 146 -18.20 0.97 -38.13
C GLU D 146 -18.31 -0.22 -37.20
N VAL D 147 -18.47 0.09 -35.92
CA VAL D 147 -18.67 -0.94 -34.91
C VAL D 147 -20.04 -0.57 -34.37
N GLN D 148 -20.66 -1.45 -33.61
CA GLN D 148 -21.98 -1.13 -33.09
C GLN D 148 -22.20 -1.47 -31.64
N THR D 149 -23.10 -0.72 -31.02
CA THR D 149 -23.44 -0.92 -29.63
C THR D 149 -24.95 -0.82 -29.45
N ASP D 150 -25.45 -1.45 -28.40
CA ASP D 150 -26.87 -1.45 -28.10
C ASP D 150 -27.17 -0.39 -27.05
N LYS D 151 -26.20 0.48 -26.79
CA LYS D 151 -26.36 1.51 -25.78
C LYS D 151 -26.27 2.93 -26.33
N LYS D 152 -27.05 3.84 -25.75
CA LYS D 152 -27.04 5.24 -26.17
C LYS D 152 -25.76 5.86 -25.61
N SER D 153 -25.51 5.60 -24.35
CA SER D 153 -24.32 6.10 -23.67
C SER D 153 -23.48 4.83 -23.47
N VAL D 154 -22.35 4.73 -24.16
CA VAL D 154 -21.50 3.52 -24.07
C VAL D 154 -20.07 3.80 -23.60
N THR D 155 -19.46 2.83 -22.90
CA THR D 155 -18.10 3.03 -22.42
C THR D 155 -17.13 3.00 -23.60
N ALA D 156 -16.10 3.83 -23.53
CA ALA D 156 -15.09 3.87 -24.57
C ALA D 156 -14.52 2.46 -24.69
N GLN D 157 -14.34 1.82 -23.55
CA GLN D 157 -13.80 0.47 -23.51
C GLN D 157 -14.55 -0.47 -24.46
N GLU D 158 -15.87 -0.51 -24.37
CA GLU D 158 -16.64 -1.38 -25.26
C GLU D 158 -16.32 -1.12 -26.73
N LEU D 159 -16.33 0.15 -27.12
CA LEU D 159 -16.05 0.54 -28.49
C LEU D 159 -14.62 0.20 -28.89
N ASP D 160 -13.68 0.52 -28.00
CA ASP D 160 -12.28 0.23 -28.26
C ASP D 160 -12.09 -1.26 -28.57
N ILE D 161 -12.61 -2.11 -27.68
CA ILE D 161 -12.50 -3.55 -27.85
C ILE D 161 -13.05 -3.99 -29.20
N LYS D 162 -14.20 -3.44 -29.57
CA LYS D 162 -14.82 -3.81 -30.84
C LYS D 162 -13.98 -3.39 -32.03
N ALA D 163 -13.36 -2.21 -31.93
CA ALA D 163 -12.51 -1.74 -33.01
C ALA D 163 -11.29 -2.64 -33.16
N ARG D 164 -10.64 -2.97 -32.04
CA ARG D 164 -9.45 -3.81 -32.10
C ARG D 164 -9.76 -5.23 -32.55
N ASN D 165 -10.92 -5.74 -32.18
CA ASN D 165 -11.29 -7.10 -32.58
C ASN D 165 -11.32 -7.11 -34.11
N PHE D 166 -11.89 -6.06 -34.68
CA PHE D 166 -11.99 -5.96 -36.12
C PHE D 166 -10.62 -5.86 -36.79
N LEU D 167 -9.77 -4.97 -36.28
CA LEU D 167 -8.44 -4.75 -36.84
C LEU D 167 -7.48 -5.93 -36.69
N ILE D 168 -7.76 -6.84 -35.77
CA ILE D 168 -6.90 -8.00 -35.58
C ILE D 168 -7.15 -8.99 -36.72
N ASN D 169 -8.41 -9.09 -37.13
CA ASN D 169 -8.80 -9.99 -38.19
C ASN D 169 -8.51 -9.48 -39.58
N LYS D 170 -8.78 -8.20 -39.82
CA LYS D 170 -8.55 -7.63 -41.14
C LYS D 170 -7.19 -6.98 -41.35
N LYS D 171 -6.49 -6.64 -40.27
CA LYS D 171 -5.18 -5.99 -40.41
C LYS D 171 -4.07 -6.62 -39.58
N ASN D 172 -4.35 -7.72 -38.91
CA ASN D 172 -3.36 -8.39 -38.07
C ASN D 172 -2.76 -7.41 -37.07
N LEU D 173 -3.63 -6.59 -36.47
CA LEU D 173 -3.18 -5.60 -35.49
C LEU D 173 -2.20 -6.23 -34.52
N TYR D 174 -2.55 -7.40 -33.99
CA TYR D 174 -1.68 -8.13 -33.07
C TYR D 174 -1.46 -9.55 -33.59
N GLU D 175 -0.24 -10.04 -33.50
CA GLU D 175 0.07 -11.41 -33.92
C GLU D 175 0.70 -12.12 -32.72
N PHE D 176 0.86 -13.44 -32.80
CA PHE D 176 1.46 -14.17 -31.68
C PHE D 176 2.80 -13.56 -31.31
N ASN D 177 3.62 -13.30 -32.32
CA ASN D 177 4.91 -12.67 -32.13
C ASN D 177 4.88 -11.31 -32.78
N SER D 178 5.12 -10.28 -31.97
CA SER D 178 5.13 -8.90 -32.42
C SER D 178 3.89 -8.51 -33.25
N SER D 179 3.97 -7.31 -33.80
CA SER D 179 2.91 -6.72 -34.59
C SER D 179 3.47 -6.10 -35.86
N PRO D 180 2.62 -5.91 -36.88
CA PRO D 180 3.09 -5.30 -38.13
C PRO D 180 3.39 -3.82 -37.89
N TYR D 181 2.81 -3.25 -36.84
CA TYR D 181 3.00 -1.85 -36.53
C TYR D 181 3.93 -1.59 -35.35
N GLU D 182 4.55 -0.41 -35.36
CA GLU D 182 5.49 0.00 -34.33
C GLU D 182 4.75 0.73 -33.19
N THR D 183 3.81 1.60 -33.56
CA THR D 183 3.04 2.33 -32.56
C THR D 183 1.58 2.43 -32.97
N GLY D 184 0.75 2.79 -32.01
CA GLY D 184 -0.67 2.91 -32.30
C GLY D 184 -1.45 3.43 -31.11
N TYR D 185 -2.39 4.32 -31.38
CA TYR D 185 -3.22 4.86 -30.33
C TYR D 185 -4.61 5.02 -30.91
N ILE D 186 -5.62 4.84 -30.07
CA ILE D 186 -7.00 4.99 -30.50
C ILE D 186 -7.50 6.27 -29.85
N LYS D 187 -8.01 7.17 -30.68
CA LYS D 187 -8.49 8.46 -30.23
C LYS D 187 -9.99 8.61 -30.37
N PHE D 188 -10.61 9.14 -29.31
CA PHE D 188 -12.05 9.37 -29.29
C PHE D 188 -12.36 10.86 -29.36
N ILE D 189 -13.27 11.21 -30.27
CA ILE D 189 -13.69 12.60 -30.44
C ILE D 189 -15.16 12.73 -30.07
N GLU D 190 -15.45 13.54 -29.06
CA GLU D 190 -16.83 13.72 -28.62
C GLU D 190 -17.45 14.95 -29.29
N ASN D 191 -18.78 14.93 -29.45
CA ASN D 191 -19.48 16.03 -30.10
C ASN D 191 -19.27 17.40 -29.43
N ASN D 192 -18.81 17.39 -28.19
CA ASN D 192 -18.57 18.63 -27.46
C ASN D 192 -17.14 19.09 -27.73
N GLY D 193 -16.42 18.35 -28.57
CA GLY D 193 -15.05 18.73 -28.89
C GLY D 193 -13.99 18.12 -27.98
N ASN D 194 -14.40 17.37 -26.96
CA ASN D 194 -13.44 16.74 -26.07
C ASN D 194 -12.84 15.50 -26.71
N THR D 195 -11.55 15.27 -26.48
CA THR D 195 -10.87 14.10 -27.03
C THR D 195 -9.94 13.45 -26.00
N PHE D 196 -9.69 12.16 -26.17
CA PHE D 196 -8.80 11.41 -25.29
C PHE D 196 -8.37 10.18 -26.05
N TRP D 197 -7.28 9.55 -25.63
CA TRP D 197 -6.76 8.39 -26.34
C TRP D 197 -6.11 7.36 -25.43
N TYR D 198 -5.96 6.15 -25.97
CA TYR D 198 -5.33 5.05 -25.26
C TYR D 198 -4.23 4.50 -26.15
N ASP D 199 -3.10 4.13 -25.54
CA ASP D 199 -1.96 3.58 -26.26
C ASP D 199 -2.34 2.13 -26.49
N MET D 200 -2.23 1.67 -27.74
CA MET D 200 -2.60 0.31 -28.11
C MET D 200 -1.46 -0.71 -28.01
N MET D 201 -0.27 -0.25 -27.64
CA MET D 201 0.89 -1.15 -27.55
C MET D 201 1.34 -1.41 -26.12
N PRO D 202 1.94 -2.59 -25.86
CA PRO D 202 2.42 -2.93 -24.52
C PRO D 202 3.61 -2.10 -24.05
N ALA D 203 3.72 -1.90 -22.74
CA ALA D 203 4.83 -1.14 -22.20
C ALA D 203 6.11 -1.88 -22.58
N PRO D 204 7.23 -1.17 -22.67
CA PRO D 204 8.51 -1.80 -23.04
C PRO D 204 8.97 -2.84 -22.03
N GLY D 205 9.67 -3.86 -22.52
CA GLY D 205 10.16 -4.91 -21.65
C GLY D 205 9.94 -6.29 -22.26
N ASP D 206 10.07 -7.32 -21.43
CA ASP D 206 9.92 -8.69 -21.88
C ASP D 206 8.68 -9.41 -21.34
N LYS D 207 7.86 -8.70 -20.56
CA LYS D 207 6.64 -9.30 -20.01
C LYS D 207 5.47 -8.32 -20.10
N PHE D 208 4.34 -8.82 -20.54
CA PHE D 208 3.15 -7.99 -20.66
C PHE D 208 2.23 -8.22 -19.46
N ASP D 209 2.04 -7.18 -18.66
CA ASP D 209 1.18 -7.27 -17.48
C ASP D 209 -0.24 -6.88 -17.91
N GLN D 210 -1.05 -7.89 -18.27
CA GLN D 210 -2.42 -7.66 -18.72
C GLN D 210 -3.24 -6.84 -17.74
N SER D 211 -3.17 -7.20 -16.48
CA SER D 211 -3.93 -6.49 -15.46
C SER D 211 -3.56 -5.01 -15.40
N LYS D 212 -2.27 -4.71 -15.39
CA LYS D 212 -1.84 -3.32 -15.32
C LYS D 212 -2.32 -2.52 -16.53
N TYR D 213 -2.27 -3.13 -17.71
CA TYR D 213 -2.70 -2.47 -18.94
C TYR D 213 -4.20 -2.12 -18.95
N LEU D 214 -5.04 -3.08 -18.60
CA LEU D 214 -6.48 -2.87 -18.59
C LEU D 214 -6.92 -1.88 -17.54
N MET D 215 -6.05 -1.59 -16.59
CA MET D 215 -6.41 -0.63 -15.55
C MET D 215 -6.84 0.72 -16.13
N MET D 216 -6.33 1.09 -17.31
CA MET D 216 -6.69 2.37 -17.93
C MET D 216 -8.20 2.57 -18.10
N TYR D 217 -8.95 1.47 -18.21
CA TYR D 217 -10.39 1.52 -18.38
C TYR D 217 -11.07 1.86 -17.04
N ASN D 218 -10.25 2.10 -16.04
CA ASN D 218 -10.63 2.45 -14.67
C ASN D 218 -11.72 3.50 -14.51
N ASP D 219 -11.55 4.60 -15.21
CA ASP D 219 -12.46 5.72 -15.12
C ASP D 219 -13.88 5.42 -15.57
N ASN D 220 -14.09 4.29 -16.23
CA ASN D 220 -15.44 3.93 -16.68
C ASN D 220 -15.97 5.06 -17.57
N LYS D 221 -15.09 5.57 -18.44
CA LYS D 221 -15.40 6.65 -19.36
C LYS D 221 -16.46 6.25 -20.38
N THR D 222 -17.56 7.00 -20.43
CA THR D 222 -18.63 6.72 -21.37
C THR D 222 -18.77 7.89 -22.35
N VAL D 223 -19.30 7.60 -23.53
CA VAL D 223 -19.51 8.61 -24.57
C VAL D 223 -20.87 8.36 -25.23
N ASP D 224 -21.34 9.36 -25.98
CA ASP D 224 -22.61 9.28 -26.68
C ASP D 224 -22.43 8.54 -28.01
N SER D 225 -22.94 7.33 -28.08
CA SER D 225 -22.80 6.50 -29.27
C SER D 225 -23.24 7.12 -30.61
N LYS D 226 -24.36 7.83 -30.63
CA LYS D 226 -24.83 8.42 -31.88
C LYS D 226 -23.99 9.58 -32.43
N SER D 227 -23.16 10.20 -31.59
CA SER D 227 -22.36 11.34 -32.07
C SER D 227 -20.84 11.25 -31.93
N VAL D 228 -20.34 10.29 -31.15
CA VAL D 228 -18.90 10.15 -30.97
C VAL D 228 -18.22 9.64 -32.25
N LYS D 229 -16.96 10.04 -32.45
CA LYS D 229 -16.18 9.61 -33.60
C LYS D 229 -14.87 8.95 -33.14
N ILE D 230 -14.42 7.94 -33.87
CA ILE D 230 -13.19 7.23 -33.50
C ILE D 230 -12.11 7.27 -34.57
N GLU D 231 -10.86 7.41 -34.12
CA GLU D 231 -9.71 7.44 -35.03
C GLU D 231 -8.59 6.56 -34.50
N VAL D 232 -8.17 5.60 -35.32
CA VAL D 232 -7.08 4.73 -34.94
C VAL D 232 -5.82 5.13 -35.73
N HIS D 233 -4.80 5.62 -35.03
CA HIS D 233 -3.55 6.04 -35.68
C HIS D 233 -2.40 5.05 -35.48
N LEU D 234 -1.95 4.45 -36.57
CA LEU D 234 -0.87 3.47 -36.53
C LEU D 234 0.36 3.92 -37.33
N THR D 235 1.50 3.26 -37.10
CA THR D 235 2.73 3.54 -37.84
C THR D 235 3.57 2.26 -37.91
N THR D 236 4.21 2.04 -39.06
CA THR D 236 5.08 0.89 -39.23
C THR D 236 6.45 1.40 -38.84
N LYS D 237 7.40 0.52 -38.51
CA LYS D 237 8.71 0.98 -38.09
C LYS D 237 9.41 1.89 -39.10
N ASN D 238 9.38 1.49 -40.38
CA ASN D 238 10.03 2.27 -41.44
C ASN D 238 9.07 3.14 -42.25
N GLY D 239 7.94 2.58 -42.65
CA GLY D 239 6.98 3.34 -43.43
C GLY D 239 6.22 2.48 -44.43
#